data_9QX6
#
_entry.id   9QX6
#
_cell.length_a   64.055
_cell.length_b   64.055
_cell.length_c   111.626
_cell.angle_alpha   90.000
_cell.angle_beta   90.000
_cell.angle_gamma   90.000
#
_symmetry.space_group_name_H-M   'P 43 21 2'
#
loop_
_entity.id
_entity.type
_entity.pdbx_description
1 polymer 'Retinoic acid receptor RXR-alpha'
2 polymer 'Nuclear receptor coactivator 2'
3 non-polymer '(6R,6aR,7S,10R,10aS)-6-(3,5-bis(trifluoromethyl)phenyl)-5,6,6a,7,8,9,10,10a-octahydro-7,10-methanophenanthridine-3-carboxylic acid'
4 non-polymer '6S,6aS,7R,10S,10aR)-6-(3,5-bis(trifluoromethyl)phenyl)-5,6,6a,7,8,9,10,10a-octahydro-7,10-methanophenanthridine-3-carboxylic acid'
5 water water
#
loop_
_entity_poly.entity_id
_entity_poly.type
_entity_poly.pdbx_seq_one_letter_code
_entity_poly.pdbx_strand_id
1 'polypeptide(L)'
;SDMPVERILEAELAVEPKTETYVEANMGLNPSSPNDPVTNICQAADKQLFTLVEWAKRIPHFSELPLDDQVILLRAGWNE
LLIASFSHRSIAVKDGILLATGLHVHRNSAHSAGVGAIFDRVLTELVSKMRDMQMDKTELGCLRAIVLFNPDSKGLSNPA
EVEALREKVYASLEAYCKHKYPEQPGRFAKLLLRLPALRSIGLKCLEHLFFFKLIGDTPIDTFLMEMLEAPHQMT
;
A
2 'polypeptide(L)' HKILHRLLQD B
#
loop_
_chem_comp.id
_chem_comp.type
_chem_comp.name
_chem_comp.formula
A1JAT non-polymer '(6R,6aR,7S,10R,10aS)-6-(3,5-bis(trifluoromethyl)phenyl)-5,6,6a,7,8,9,10,10a-octahydro-7,10-methanophenanthridine-3-carboxylic acid' 'C23 H19 F6 N O2'
A1JHO non-polymer '6S,6aS,7R,10S,10aR)-6-(3,5-bis(trifluoromethyl)phenyl)-5,6,6a,7,8,9,10,10a-octahydro-7,10-methanophenanthridine-3-carboxylic acid' 'C23 H19 F6 N O2'
#
# COMPACT_ATOMS: atom_id res chain seq x y z
N ASP A 2 16.07 1.57 -16.10
CA ASP A 2 15.88 0.14 -15.91
C ASP A 2 15.20 -0.13 -14.57
N MET A 3 14.40 -1.20 -14.49
CA MET A 3 13.52 -1.44 -13.35
C MET A 3 13.61 -2.92 -12.94
N PRO A 4 14.73 -3.33 -12.34
CA PRO A 4 14.92 -4.76 -12.03
C PRO A 4 14.03 -5.21 -10.89
N VAL A 5 13.38 -6.37 -11.06
CA VAL A 5 12.55 -6.90 -9.98
C VAL A 5 13.38 -7.23 -8.74
N GLU A 6 14.68 -7.53 -8.93
CA GLU A 6 15.54 -7.79 -7.78
C GLU A 6 15.61 -6.58 -6.85
N ARG A 7 15.65 -5.37 -7.41
CA ARG A 7 15.66 -4.17 -6.57
C ARG A 7 14.33 -3.99 -5.85
N ILE A 8 13.23 -4.29 -6.53
CA ILE A 8 11.92 -4.13 -5.93
C ILE A 8 11.76 -5.12 -4.77
N LEU A 9 12.22 -6.36 -4.96
CA LEU A 9 12.19 -7.33 -3.86
C LEU A 9 13.06 -6.88 -2.70
N GLU A 10 14.27 -6.40 -2.98
CA GLU A 10 15.14 -5.90 -1.91
C GLU A 10 14.45 -4.81 -1.10
N ALA A 11 13.66 -3.95 -1.76
CA ALA A 11 12.96 -2.89 -1.03
C ALA A 11 11.92 -3.46 -0.08
N GLU A 12 11.17 -4.47 -0.52
CA GLU A 12 10.21 -5.15 0.35
C GLU A 12 10.92 -5.78 1.54
N LEU A 13 12.04 -6.46 1.28
CA LEU A 13 12.73 -7.16 2.37
C LEU A 13 13.35 -6.18 3.36
N ALA A 14 13.77 -5.01 2.88
CA ALA A 14 14.46 -4.07 3.76
C ALA A 14 13.54 -3.50 4.82
N VAL A 15 12.25 -3.37 4.53
CA VAL A 15 11.33 -2.63 5.37
C VAL A 15 10.41 -3.54 6.19
N GLU A 16 10.71 -4.82 6.26
CA GLU A 16 9.90 -5.75 7.05
C GLU A 16 10.17 -5.67 8.55
N ASP A 36 -9.87 -0.95 21.79
CA ASP A 36 -10.39 -0.58 20.48
C ASP A 36 -9.38 -0.96 19.40
N PRO A 37 -9.74 -1.94 18.56
CA PRO A 37 -8.86 -2.31 17.44
C PRO A 37 -8.57 -1.15 16.51
N VAL A 38 -9.50 -0.20 16.39
CA VAL A 38 -9.29 0.92 15.48
C VAL A 38 -8.12 1.78 15.95
N THR A 39 -8.01 1.99 17.26
CA THR A 39 -6.88 2.76 17.78
C THR A 39 -5.55 2.07 17.47
N ASN A 40 -5.49 0.75 17.65
CA ASN A 40 -4.26 0.01 17.34
C ASN A 40 -3.96 0.05 15.84
N ILE A 41 -5.01 -0.04 15.02
CA ILE A 41 -4.84 0.01 13.58
C ILE A 41 -4.27 1.37 13.17
N CYS A 42 -4.82 2.45 13.74
CA CYS A 42 -4.32 3.79 13.42
C CYS A 42 -2.91 4.01 13.95
N GLN A 43 -2.60 3.46 15.12
CA GLN A 43 -1.22 3.56 15.63
C GLN A 43 -0.24 2.88 14.67
N ALA A 44 -0.61 1.71 14.17
CA ALA A 44 0.26 0.98 13.24
C ALA A 44 0.39 1.72 11.92
N ALA A 45 -0.69 2.37 11.47
CA ALA A 45 -0.62 3.12 10.23
C ALA A 45 0.36 4.28 10.34
N ASP A 46 0.31 5.00 11.46
CA ASP A 46 1.26 6.10 11.66
C ASP A 46 2.69 5.59 11.64
N LYS A 47 2.97 4.49 12.34
CA LYS A 47 4.30 3.89 12.35
C LYS A 47 4.76 3.52 10.94
N GLN A 48 3.87 2.88 10.17
CA GLN A 48 4.23 2.41 8.85
C GLN A 48 4.40 3.53 7.83
N LEU A 49 3.82 4.70 8.08
CA LEU A 49 4.05 5.82 7.16
C LEU A 49 5.52 6.21 7.12
N PHE A 50 6.21 6.17 8.26
CA PHE A 50 7.65 6.45 8.26
C PHE A 50 8.39 5.40 7.44
N THR A 51 8.05 4.13 7.63
CA THR A 51 8.69 3.06 6.88
C THR A 51 8.36 3.16 5.39
N LEU A 52 7.16 3.66 5.06
CA LEU A 52 6.77 3.76 3.65
C LEU A 52 7.68 4.72 2.90
N VAL A 53 8.07 5.82 3.55
CA VAL A 53 9.01 6.76 2.92
C VAL A 53 10.33 6.06 2.59
N GLU A 54 10.84 5.26 3.53
CA GLU A 54 12.09 4.55 3.29
C GLU A 54 11.94 3.50 2.20
N TRP A 55 10.78 2.85 2.12
CA TRP A 55 10.53 1.90 1.05
C TRP A 55 10.58 2.58 -0.32
N ALA A 56 9.86 3.70 -0.46
CA ALA A 56 9.80 4.39 -1.75
C ALA A 56 11.18 4.82 -2.21
N LYS A 57 12.02 5.29 -1.28
CA LYS A 57 13.38 5.70 -1.65
C LYS A 57 14.17 4.53 -2.23
N ARG A 58 13.82 3.30 -1.87
CA ARG A 58 14.51 2.14 -2.39
C ARG A 58 13.94 1.63 -3.70
N ILE A 59 12.87 2.23 -4.22
CA ILE A 59 12.34 1.82 -5.52
C ILE A 59 13.13 2.55 -6.60
N PRO A 60 13.67 1.83 -7.59
CA PRO A 60 14.47 2.50 -8.63
C PRO A 60 13.80 3.74 -9.20
N HIS A 61 14.55 4.83 -9.23
CA HIS A 61 14.24 6.09 -9.90
C HIS A 61 13.26 6.97 -9.12
N PHE A 62 12.62 6.49 -8.06
CA PHE A 62 11.72 7.35 -7.29
C PHE A 62 12.45 8.58 -6.76
N SER A 63 13.61 8.38 -6.13
CA SER A 63 14.31 9.50 -5.49
C SER A 63 14.86 10.50 -6.50
N GLU A 64 14.92 10.16 -7.78
CA GLU A 64 15.34 11.08 -8.81
C GLU A 64 14.20 11.94 -9.35
N LEU A 65 12.95 11.64 -9.00
CA LEU A 65 11.86 12.53 -9.33
C LEU A 65 12.01 13.85 -8.54
N PRO A 66 11.45 14.94 -9.06
CA PRO A 66 11.44 16.19 -8.27
C PRO A 66 10.79 15.94 -6.92
N LEU A 67 11.30 16.66 -5.91
CA LEU A 67 10.79 16.50 -4.55
C LEU A 67 9.27 16.68 -4.50
N ASP A 68 8.75 17.69 -5.20
CA ASP A 68 7.31 17.92 -5.20
C ASP A 68 6.54 16.73 -5.76
N ASP A 69 7.11 16.03 -6.75
CA ASP A 69 6.44 14.87 -7.33
C ASP A 69 6.49 13.67 -6.38
N GLN A 70 7.62 13.48 -5.69
CA GLN A 70 7.70 12.44 -4.65
C GLN A 70 6.61 12.64 -3.59
N VAL A 71 6.40 13.89 -3.18
CA VAL A 71 5.36 14.23 -2.22
C VAL A 71 3.99 13.89 -2.77
N ILE A 72 3.72 14.29 -4.01
CA ILE A 72 2.42 14.02 -4.63
C ILE A 72 2.15 12.51 -4.70
N LEU A 73 3.13 11.73 -5.15
CA LEU A 73 2.91 10.29 -5.30
C LEU A 73 2.67 9.61 -3.95
N LEU A 74 3.42 9.99 -2.93
CA LEU A 74 3.21 9.38 -1.61
C LEU A 74 1.89 9.80 -0.99
N ARG A 75 1.54 11.08 -1.10
CA ARG A 75 0.25 11.51 -0.57
C ARG A 75 -0.91 10.87 -1.33
N ALA A 76 -0.73 10.60 -2.61
CA ALA A 76 -1.80 9.96 -3.38
C ALA A 76 -1.90 8.47 -3.09
N GLY A 77 -0.77 7.82 -2.80
CA GLY A 77 -0.76 6.36 -2.77
C GLY A 77 -0.66 5.68 -1.42
N TRP A 78 -0.42 6.45 -0.35
CA TRP A 78 -0.01 5.85 0.92
C TRP A 78 -1.04 4.85 1.44
N ASN A 79 -2.33 5.16 1.33
CA ASN A 79 -3.32 4.27 1.92
C ASN A 79 -3.36 2.94 1.19
N GLU A 80 -3.40 2.97 -0.14
CA GLU A 80 -3.35 1.74 -0.92
C GLU A 80 -2.04 0.98 -0.67
N LEU A 81 -0.92 1.70 -0.59
CA LEU A 81 0.36 1.04 -0.36
C LEU A 81 0.40 0.33 0.98
N LEU A 82 -0.14 0.96 2.02
CA LEU A 82 -0.15 0.33 3.34
C LEU A 82 -1.14 -0.82 3.40
N ILE A 83 -2.28 -0.70 2.73
CA ILE A 83 -3.27 -1.79 2.71
C ILE A 83 -2.71 -3.01 2.01
N ALA A 84 -2.05 -2.81 0.86
CA ALA A 84 -1.44 -3.94 0.17
C ALA A 84 -0.45 -4.66 1.06
N SER A 85 0.35 -3.90 1.83
CA SER A 85 1.37 -4.49 2.68
C SER A 85 0.77 -5.31 3.80
N PHE A 86 -0.19 -4.75 4.54
CA PHE A 86 -0.71 -5.53 5.65
C PHE A 86 -1.54 -6.70 5.16
N SER A 87 -2.19 -6.55 4.01
CA SER A 87 -2.95 -7.67 3.46
C SER A 87 -2.03 -8.84 3.17
N HIS A 88 -0.88 -8.56 2.54
CA HIS A 88 0.01 -9.66 2.17
C HIS A 88 0.66 -10.26 3.41
N ARG A 89 0.96 -9.43 4.41
CA ARG A 89 1.52 -9.91 5.66
C ARG A 89 0.57 -10.87 6.36
N SER A 90 -0.71 -10.83 6.02
CA SER A 90 -1.75 -11.58 6.72
C SER A 90 -2.13 -12.88 6.02
N ILE A 91 -1.39 -13.31 5.00
CA ILE A 91 -1.84 -14.45 4.19
C ILE A 91 -1.94 -15.74 5.00
N ALA A 92 -1.14 -15.88 6.06
CA ALA A 92 -1.19 -17.10 6.86
C ALA A 92 -2.11 -16.96 8.06
N VAL A 93 -2.78 -15.82 8.21
CA VAL A 93 -3.68 -15.55 9.32
C VAL A 93 -5.07 -16.05 8.93
N LYS A 94 -5.74 -16.74 9.85
CA LYS A 94 -7.10 -17.15 9.61
C LYS A 94 -8.05 -16.03 10.02
N ASP A 95 -8.81 -15.53 9.04
CA ASP A 95 -9.91 -14.60 9.29
C ASP A 95 -9.44 -13.35 10.06
N GLY A 96 -8.27 -12.84 9.72
CA GLY A 96 -7.76 -11.68 10.43
C GLY A 96 -6.57 -11.06 9.73
N ILE A 97 -6.02 -10.02 10.36
CA ILE A 97 -4.87 -9.31 9.82
C ILE A 97 -3.78 -9.22 10.87
N LEU A 98 -2.54 -9.12 10.40
CA LEU A 98 -1.38 -8.95 11.27
C LEU A 98 -0.87 -7.53 11.08
N LEU A 99 -0.94 -6.72 12.12
CA LEU A 99 -0.44 -5.36 12.05
C LEU A 99 1.08 -5.34 12.18
N ALA A 100 1.68 -4.26 11.70
CA ALA A 100 3.13 -4.16 11.73
C ALA A 100 3.68 -3.98 13.14
N THR A 101 2.81 -3.71 14.11
CA THR A 101 3.18 -3.64 15.52
C THR A 101 3.31 -5.02 16.15
N GLY A 102 2.89 -6.08 15.46
CA GLY A 102 2.91 -7.42 15.99
C GLY A 102 1.54 -7.93 16.42
N LEU A 103 0.53 -7.07 16.45
CA LEU A 103 -0.79 -7.45 16.96
C LEU A 103 -1.62 -8.09 15.84
N HIS A 104 -2.16 -9.28 16.11
CA HIS A 104 -3.15 -9.86 15.22
C HIS A 104 -4.52 -9.34 15.59
N VAL A 105 -5.31 -8.99 14.58
CA VAL A 105 -6.67 -8.49 14.75
C VAL A 105 -7.61 -9.44 14.02
N HIS A 106 -8.51 -10.09 14.77
CA HIS A 106 -9.48 -11.01 14.17
C HIS A 106 -10.72 -10.27 13.71
N ARG A 107 -11.39 -10.84 12.71
CA ARG A 107 -12.57 -10.17 12.16
C ARG A 107 -13.66 -9.98 13.23
N ASN A 108 -13.73 -10.88 14.22
CA ASN A 108 -14.69 -10.69 15.30
C ASN A 108 -14.42 -9.39 16.05
N SER A 109 -13.15 -9.08 16.29
CA SER A 109 -12.80 -7.84 16.98
C SER A 109 -13.13 -6.62 16.13
N ALA A 110 -12.88 -6.70 14.82
CA ALA A 110 -13.23 -5.59 13.94
C ALA A 110 -14.74 -5.38 13.89
N HIS A 111 -15.50 -6.48 13.79
N HIS A 111 -15.51 -6.47 13.80
CA HIS A 111 -16.95 -6.36 13.82
CA HIS A 111 -16.97 -6.33 13.80
C HIS A 111 -17.41 -5.69 15.10
C HIS A 111 -17.46 -5.73 15.11
N SER A 112 -16.83 -6.12 16.23
CA SER A 112 -17.22 -5.60 17.54
C SER A 112 -16.85 -4.13 17.72
N ALA A 113 -16.02 -3.57 16.84
CA ALA A 113 -15.60 -2.18 16.87
C ALA A 113 -16.33 -1.32 15.86
N GLY A 114 -17.26 -1.90 15.10
CA GLY A 114 -18.04 -1.15 14.14
C GLY A 114 -17.40 -0.97 12.78
N VAL A 115 -16.34 -1.72 12.47
CA VAL A 115 -15.71 -1.66 11.16
C VAL A 115 -15.74 -3.01 10.47
N GLY A 116 -16.74 -3.83 10.79
CA GLY A 116 -16.80 -5.19 10.25
C GLY A 116 -16.84 -5.23 8.72
N ALA A 117 -17.65 -4.36 8.10
CA ALA A 117 -17.88 -4.48 6.66
C ALA A 117 -16.59 -4.25 5.88
N ILE A 118 -15.87 -3.16 6.18
CA ILE A 118 -14.64 -2.91 5.44
C ILE A 118 -13.59 -3.97 5.75
N PHE A 119 -13.59 -4.48 6.98
CA PHE A 119 -12.61 -5.50 7.35
C PHE A 119 -12.87 -6.78 6.57
N ASP A 120 -14.13 -7.15 6.40
CA ASP A 120 -14.46 -8.31 5.59
C ASP A 120 -14.08 -8.12 4.14
N ARG A 121 -14.18 -6.90 3.61
CA ARG A 121 -13.74 -6.66 2.24
C ARG A 121 -12.25 -6.89 2.10
N VAL A 122 -11.45 -6.41 3.06
CA VAL A 122 -10.01 -6.67 3.05
C VAL A 122 -9.76 -8.18 3.01
N LEU A 123 -10.46 -8.92 3.85
CA LEU A 123 -10.22 -10.35 3.94
C LEU A 123 -10.63 -11.08 2.66
N THR A 124 -11.81 -10.73 2.11
CA THR A 124 -12.34 -11.49 0.97
C THR A 124 -11.72 -11.05 -0.35
N GLU A 125 -11.46 -9.75 -0.52
CA GLU A 125 -11.00 -9.27 -1.82
C GLU A 125 -9.49 -9.20 -1.93
N LEU A 126 -8.78 -9.10 -0.80
CA LEU A 126 -7.33 -8.98 -0.80
C LEU A 126 -6.64 -10.17 -0.14
N VAL A 127 -6.75 -10.33 1.19
CA VAL A 127 -5.98 -11.35 1.89
C VAL A 127 -6.24 -12.73 1.29
N SER A 128 -7.51 -13.09 1.14
CA SER A 128 -7.83 -14.44 0.69
C SER A 128 -7.37 -14.68 -0.74
N LYS A 129 -7.45 -13.66 -1.60
CA LYS A 129 -7.04 -13.85 -2.97
C LYS A 129 -5.52 -13.91 -3.09
N MET A 130 -4.82 -13.10 -2.30
CA MET A 130 -3.36 -13.23 -2.21
C MET A 130 -2.97 -14.62 -1.74
N ARG A 131 -3.70 -15.15 -0.76
N ARG A 131 -3.71 -15.15 -0.76
CA ARG A 131 -3.39 -16.47 -0.24
CA ARG A 131 -3.40 -16.47 -0.23
C ARG A 131 -3.63 -17.54 -1.31
C ARG A 131 -3.66 -17.57 -1.27
N ASP A 132 -4.78 -17.47 -1.99
CA ASP A 132 -5.18 -18.54 -2.90
C ASP A 132 -4.25 -18.65 -4.10
N MET A 133 -3.74 -17.53 -4.60
CA MET A 133 -2.77 -17.54 -5.70
C MET A 133 -1.33 -17.58 -5.22
N GLN A 134 -1.10 -17.56 -3.91
CA GLN A 134 0.25 -17.56 -3.34
C GLN A 134 1.09 -16.43 -3.92
N MET A 135 0.49 -15.24 -3.99
CA MET A 135 1.21 -14.05 -4.42
C MET A 135 2.52 -13.92 -3.64
N ASP A 136 3.63 -13.74 -4.35
CA ASP A 136 4.94 -13.67 -3.69
C ASP A 136 5.35 -12.22 -3.43
N LYS A 137 6.50 -12.04 -2.77
CA LYS A 137 6.90 -10.71 -2.36
C LYS A 137 7.40 -9.86 -3.51
N THR A 138 7.99 -10.50 -4.53
CA THR A 138 8.34 -9.76 -5.74
C THR A 138 7.08 -9.21 -6.40
N GLU A 139 6.06 -10.05 -6.54
CA GLU A 139 4.81 -9.61 -7.14
C GLU A 139 4.16 -8.51 -6.32
N LEU A 140 4.11 -8.67 -4.99
CA LEU A 140 3.58 -7.62 -4.13
C LEU A 140 4.35 -6.33 -4.32
N GLY A 141 5.69 -6.42 -4.32
CA GLY A 141 6.50 -5.21 -4.47
C GLY A 141 6.23 -4.51 -5.78
N CYS A 142 6.06 -5.29 -6.85
CA CYS A 142 5.78 -4.69 -8.17
C CYS A 142 4.41 -4.04 -8.20
N LEU A 143 3.39 -4.72 -7.65
CA LEU A 143 2.09 -4.09 -7.54
C LEU A 143 2.18 -2.78 -6.77
N ARG A 144 2.91 -2.78 -5.65
CA ARG A 144 3.07 -1.56 -4.87
C ARG A 144 3.81 -0.49 -5.64
N ALA A 145 4.84 -0.86 -6.41
CA ALA A 145 5.53 0.14 -7.22
C ALA A 145 4.64 0.67 -8.33
N ILE A 146 3.76 -0.16 -8.89
CA ILE A 146 2.76 0.33 -9.86
C ILE A 146 1.84 1.35 -9.20
N VAL A 147 1.36 1.04 -7.98
CA VAL A 147 0.52 1.98 -7.24
C VAL A 147 1.28 3.28 -6.96
N LEU A 148 2.55 3.17 -6.55
CA LEU A 148 3.35 4.35 -6.24
C LEU A 148 3.48 5.26 -7.46
N PHE A 149 3.85 4.68 -8.61
CA PHE A 149 4.06 5.44 -9.84
C PHE A 149 2.70 5.62 -10.53
N ASN A 150 1.84 6.43 -9.90
CA ASN A 150 0.49 6.64 -10.41
C ASN A 150 0.48 7.90 -11.27
N PRO A 151 0.42 7.79 -12.60
CA PRO A 151 0.52 8.99 -13.44
C PRO A 151 -0.75 9.82 -13.46
N ASP A 152 -1.83 9.32 -12.85
CA ASP A 152 -3.04 10.11 -12.72
C ASP A 152 -3.02 11.05 -11.53
N SER A 153 -1.98 11.01 -10.70
CA SER A 153 -1.91 11.87 -9.51
C SER A 153 -1.88 13.33 -9.93
N LYS A 154 -2.74 14.14 -9.31
CA LYS A 154 -2.87 15.52 -9.75
C LYS A 154 -1.67 16.36 -9.31
N GLY A 155 -1.25 17.26 -10.20
CA GLY A 155 -0.19 18.21 -9.87
C GLY A 155 1.20 17.78 -10.25
N LEU A 156 1.38 16.57 -10.77
CA LEU A 156 2.71 16.10 -11.18
C LEU A 156 3.32 17.04 -12.21
N SER A 157 4.60 17.35 -12.01
CA SER A 157 5.31 18.22 -12.96
C SER A 157 5.46 17.56 -14.32
N ASN A 158 5.63 16.25 -14.36
CA ASN A 158 5.81 15.51 -15.62
C ASN A 158 5.10 14.18 -15.49
N PRO A 159 3.80 14.12 -15.78
CA PRO A 159 3.08 12.84 -15.70
C PRO A 159 3.64 11.77 -16.61
N ALA A 160 4.13 12.13 -17.79
CA ALA A 160 4.64 11.13 -18.73
C ALA A 160 5.82 10.36 -18.15
N GLU A 161 6.66 11.03 -17.37
CA GLU A 161 7.79 10.37 -16.72
C GLU A 161 7.32 9.32 -15.72
N VAL A 162 6.30 9.65 -14.92
CA VAL A 162 5.76 8.69 -13.97
C VAL A 162 5.09 7.54 -14.71
N GLU A 163 4.38 7.85 -15.80
CA GLU A 163 3.80 6.79 -16.63
C GLU A 163 4.88 5.85 -17.15
N ALA A 164 6.01 6.40 -17.59
CA ALA A 164 7.08 5.57 -18.13
C ALA A 164 7.65 4.65 -17.05
N LEU A 165 7.78 5.15 -15.82
CA LEU A 165 8.27 4.30 -14.73
C LEU A 165 7.27 3.19 -14.43
N ARG A 166 5.98 3.51 -14.39
CA ARG A 166 4.96 2.49 -14.21
C ARG A 166 5.05 1.43 -15.30
N GLU A 167 5.22 1.87 -16.55
CA GLU A 167 5.34 0.92 -17.66
C GLU A 167 6.54 -0.01 -17.50
N LYS A 168 7.66 0.51 -16.99
CA LYS A 168 8.81 -0.36 -16.75
C LYS A 168 8.53 -1.37 -15.65
N VAL A 169 7.81 -0.95 -14.60
CA VAL A 169 7.45 -1.90 -13.54
C VAL A 169 6.60 -3.02 -14.09
N TYR A 170 5.53 -2.69 -14.83
CA TYR A 170 4.64 -3.77 -15.24
C TYR A 170 5.25 -4.66 -16.32
N ALA A 171 6.11 -4.11 -17.17
CA ALA A 171 6.88 -4.95 -18.09
C ALA A 171 7.76 -5.92 -17.31
N SER A 172 8.44 -5.44 -16.26
CA SER A 172 9.30 -6.31 -15.47
C SER A 172 8.47 -7.35 -14.71
N LEU A 173 7.31 -6.94 -14.21
CA LEU A 173 6.45 -7.88 -13.50
C LEU A 173 5.98 -8.98 -14.43
N GLU A 174 5.55 -8.61 -15.64
CA GLU A 174 5.07 -9.63 -16.56
C GLU A 174 6.17 -10.62 -16.91
N ALA A 175 7.38 -10.13 -17.18
CA ALA A 175 8.50 -11.02 -17.48
C ALA A 175 8.78 -11.94 -16.30
N TYR A 176 8.73 -11.40 -15.07
CA TYR A 176 8.94 -12.22 -13.89
C TYR A 176 7.90 -13.34 -13.81
N CYS A 177 6.62 -12.99 -14.00
CA CYS A 177 5.56 -13.99 -13.92
C CYS A 177 5.72 -15.06 -14.99
N LYS A 178 6.05 -14.66 -16.22
CA LYS A 178 6.21 -15.63 -17.28
C LYS A 178 7.39 -16.57 -17.01
N HIS A 179 8.43 -16.09 -16.34
CA HIS A 179 9.61 -16.92 -16.07
C HIS A 179 9.43 -17.81 -14.85
N LYS A 180 8.83 -17.28 -13.78
CA LYS A 180 8.72 -18.00 -12.53
C LYS A 180 7.51 -18.92 -12.49
N TYR A 181 6.42 -18.52 -13.16
CA TYR A 181 5.16 -19.27 -13.13
C TYR A 181 4.69 -19.51 -14.57
N PRO A 182 5.51 -20.18 -15.39
CA PRO A 182 5.15 -20.33 -16.81
C PRO A 182 3.88 -21.11 -17.02
N GLU A 183 3.51 -21.97 -16.08
CA GLU A 183 2.30 -22.77 -16.18
C GLU A 183 1.03 -21.99 -15.85
N GLN A 184 1.14 -20.71 -15.46
CA GLN A 184 0.01 -19.86 -15.09
C GLN A 184 -0.02 -18.64 -16.00
N PRO A 185 -0.46 -18.80 -17.25
CA PRO A 185 -0.45 -17.67 -18.18
C PRO A 185 -1.36 -16.51 -17.79
N GLY A 186 -2.37 -16.74 -16.96
CA GLY A 186 -3.23 -15.66 -16.53
C GLY A 186 -2.77 -14.91 -15.31
N ARG A 187 -1.60 -15.28 -14.76
CA ARG A 187 -1.20 -14.78 -13.45
C ARG A 187 -0.98 -13.27 -13.45
N PHE A 188 -0.31 -12.75 -14.47
CA PHE A 188 -0.05 -11.32 -14.56
C PHE A 188 -1.35 -10.52 -14.56
N ALA A 189 -2.30 -10.92 -15.41
CA ALA A 189 -3.61 -10.27 -15.40
C ALA A 189 -4.27 -10.39 -14.03
N LYS A 190 -4.20 -11.57 -13.41
CA LYS A 190 -4.79 -11.77 -12.09
C LYS A 190 -4.22 -10.78 -11.07
N LEU A 191 -2.91 -10.56 -11.11
CA LEU A 191 -2.30 -9.60 -10.20
C LEU A 191 -2.85 -8.20 -10.44
N LEU A 192 -2.84 -7.76 -11.71
CA LEU A 192 -3.30 -6.41 -12.02
C LEU A 192 -4.77 -6.21 -11.66
N LEU A 193 -5.57 -7.26 -11.71
CA LEU A 193 -7.00 -7.15 -11.47
C LEU A 193 -7.37 -7.16 -9.98
N ARG A 194 -6.39 -7.21 -9.09
CA ARG A 194 -6.64 -6.85 -7.71
C ARG A 194 -6.52 -5.35 -7.45
N LEU A 195 -5.99 -4.57 -8.40
CA LEU A 195 -5.83 -3.14 -8.18
C LEU A 195 -7.16 -2.37 -8.07
N PRO A 196 -8.21 -2.71 -8.81
CA PRO A 196 -9.48 -1.98 -8.58
C PRO A 196 -10.03 -2.23 -7.19
N ALA A 197 -9.95 -3.47 -6.70
CA ALA A 197 -10.39 -3.72 -5.34
C ALA A 197 -9.54 -2.94 -4.33
N LEU A 198 -8.23 -2.90 -4.53
CA LEU A 198 -7.37 -2.13 -3.63
C LEU A 198 -7.75 -0.66 -3.66
N ARG A 199 -8.06 -0.12 -4.84
CA ARG A 199 -8.47 1.28 -4.97
C ARG A 199 -9.76 1.54 -4.19
N SER A 200 -10.76 0.68 -4.37
CA SER A 200 -12.04 0.87 -3.68
C SER A 200 -11.87 0.73 -2.17
N ILE A 201 -11.12 -0.27 -1.72
CA ILE A 201 -10.92 -0.48 -0.30
C ILE A 201 -10.14 0.68 0.31
N GLY A 202 -9.11 1.16 -0.40
CA GLY A 202 -8.40 2.35 0.07
C GLY A 202 -9.30 3.53 0.26
N LEU A 203 -10.20 3.78 -0.70
CA LEU A 203 -11.11 4.92 -0.60
C LEU A 203 -12.03 4.78 0.61
N LYS A 204 -12.52 3.58 0.84
CA LYS A 204 -13.43 3.37 1.97
C LYS A 204 -12.70 3.49 3.30
N CYS A 205 -11.46 2.98 3.37
CA CYS A 205 -10.67 3.16 4.58
C CYS A 205 -10.40 4.63 4.85
N LEU A 206 -10.15 5.41 3.80
CA LEU A 206 -9.94 6.84 3.96
C LEU A 206 -11.18 7.53 4.52
N GLU A 207 -12.38 7.17 4.03
CA GLU A 207 -13.61 7.73 4.60
C GLU A 207 -13.72 7.44 6.09
N HIS A 208 -13.39 6.21 6.50
CA HIS A 208 -13.41 5.86 7.91
C HIS A 208 -12.48 6.75 8.71
N LEU A 209 -11.24 6.92 8.23
CA LEU A 209 -10.26 7.72 8.96
C LEU A 209 -10.75 9.15 9.13
N PHE A 210 -11.27 9.76 8.06
CA PHE A 210 -11.82 11.10 8.19
C PHE A 210 -12.95 11.15 9.20
N PHE A 211 -13.74 10.08 9.26
CA PHE A 211 -14.81 10.04 10.23
C PHE A 211 -14.26 9.92 11.65
N PHE A 212 -13.26 9.06 11.87
CA PHE A 212 -12.66 8.95 13.21
C PHE A 212 -12.13 10.30 13.65
N LYS A 213 -11.53 11.04 12.71
CA LYS A 213 -11.02 12.38 13.02
C LYS A 213 -12.16 13.32 13.40
N LEU A 214 -13.26 13.26 12.65
CA LEU A 214 -14.41 14.12 12.93
C LEU A 214 -15.02 13.82 14.29
N ILE A 215 -15.18 12.54 14.63
CA ILE A 215 -15.83 12.18 15.89
C ILE A 215 -14.93 12.54 17.08
N GLY A 216 -13.63 12.37 16.93
CA GLY A 216 -12.69 12.70 17.98
C GLY A 216 -12.51 11.64 19.06
N ASP A 217 -13.03 10.43 18.85
CA ASP A 217 -12.94 9.39 19.87
C ASP A 217 -11.83 8.38 19.58
N THR A 218 -10.95 8.66 18.64
CA THR A 218 -9.90 7.73 18.24
C THR A 218 -8.61 8.52 18.13
N PRO A 219 -7.57 8.17 18.89
CA PRO A 219 -6.30 8.89 18.76
C PRO A 219 -5.71 8.71 17.37
N ILE A 220 -5.23 9.81 16.79
CA ILE A 220 -4.61 9.83 15.48
C ILE A 220 -3.30 10.60 15.61
N ASP A 221 -2.17 9.92 15.33
CA ASP A 221 -0.85 10.49 15.55
C ASP A 221 -0.44 11.42 14.39
N THR A 222 0.74 12.03 14.50
CA THR A 222 1.03 13.25 13.74
C THR A 222 1.17 13.00 12.23
N PHE A 223 1.78 11.88 11.84
CA PHE A 223 2.00 11.66 10.41
C PHE A 223 0.71 11.22 9.74
N LEU A 224 -0.03 10.31 10.38
CA LEU A 224 -1.36 9.99 9.89
C LEU A 224 -2.22 11.24 9.77
N MET A 225 -2.17 12.13 10.77
CA MET A 225 -2.96 13.35 10.72
C MET A 225 -2.52 14.24 9.56
N GLU A 226 -1.22 14.34 9.31
CA GLU A 226 -0.74 15.13 8.18
C GLU A 226 -1.26 14.58 6.86
N MET A 227 -1.34 13.26 6.72
CA MET A 227 -1.88 12.68 5.50
C MET A 227 -3.36 13.03 5.33
N LEU A 228 -4.08 13.30 6.43
CA LEU A 228 -5.47 13.73 6.37
C LEU A 228 -5.62 15.23 6.16
N GLU A 229 -4.53 15.99 6.11
CA GLU A 229 -4.64 17.40 5.82
C GLU A 229 -4.94 17.63 4.35
N ALA A 230 -5.50 18.80 4.06
CA ALA A 230 -5.72 19.19 2.68
C ALA A 230 -4.39 19.39 1.96
N PRO A 231 -4.35 19.13 0.66
CA PRO A 231 -3.10 19.31 -0.09
C PRO A 231 -2.77 20.79 -0.26
N HIS A 232 -1.51 21.06 -0.49
CA HIS A 232 -1.06 22.42 -0.77
C HIS A 232 -1.46 22.81 -2.19
N HIS B 1 2.38 18.67 4.97
CA HIS B 1 3.43 17.99 4.23
C HIS B 1 4.77 18.25 4.91
N LYS B 2 4.73 18.81 6.12
CA LYS B 2 5.96 19.15 6.83
C LYS B 2 6.75 17.89 7.19
N ILE B 3 6.08 16.90 7.77
CA ILE B 3 6.78 15.68 8.16
C ILE B 3 7.29 14.95 6.92
N LEU B 4 6.43 14.82 5.92
CA LEU B 4 6.78 14.09 4.69
C LEU B 4 7.99 14.73 4.00
N HIS B 5 7.98 16.06 3.84
CA HIS B 5 9.13 16.74 3.25
C HIS B 5 10.41 16.41 4.02
N ARG B 6 10.35 16.51 5.35
CA ARG B 6 11.56 16.30 6.15
C ARG B 6 12.12 14.90 6.00
N LEU B 7 11.23 13.90 5.89
CA LEU B 7 11.66 12.52 5.75
C LEU B 7 12.19 12.21 4.37
N LEU B 8 11.86 13.02 3.36
CA LEU B 8 12.35 12.81 2.01
C LEU B 8 13.70 13.47 1.74
N GLN B 9 14.29 14.14 2.72
CA GLN B 9 15.65 14.66 2.55
C GLN B 9 16.60 13.53 2.21
N ASP B 10 17.61 13.84 1.39
CA ASP B 10 18.59 12.85 0.95
C ASP B 10 19.73 12.68 1.94
C4 A1JAT C . -2.39 -1.28 9.07
C5 A1JAT C . -1.01 -1.15 8.84
C6 A1JAT C . -0.56 -0.05 8.12
C7 A1JAT C . 0.06 -2.20 9.31
C10 A1JAT C . -3.89 1.71 7.46
C17 A1JAT C . -5.93 2.74 6.98
C20 A1JAT C . -8.19 0.90 8.63
C21 A1JAT C . -9.51 0.51 8.90
C22 A1JAT C . -9.93 -0.80 8.76
C24 A1JAT C . -7.68 -1.35 8.04
C1 A1JAT C . -1.52 0.85 7.68
C11 A1JAT C . -5.33 1.70 7.93
C12 A1JAT C . -5.80 0.30 7.87
C14 A1JAT C . -4.19 1.75 5.93
C19 A1JAT C . -7.26 -0.03 8.18
C2 A1JAT C . -2.89 0.71 7.93
C23 A1JAT C . -8.98 -1.71 8.30
C25 A1JAT C . -10.51 1.61 9.41
C29 A1JAT C . -9.32 -3.21 8.12
C3 A1JAT C . -3.40 -0.37 8.65
C43 A1JAT C . -3.85 3.21 5.73
C48 A1JAT C . -4.93 3.89 6.63
C51 A1JAT C . -5.75 1.89 5.71
F1 A1JAT C . -9.07 -3.79 9.26
F26 A1JAT C . -10.55 1.69 10.72
F27 A1JAT C . -10.14 2.81 8.96
F28 A1JAT C . -11.74 1.41 9.01
F30 A1JAT C . -8.53 -3.79 7.24
F31 A1JAT C . -10.58 -3.43 7.80
N13 A1JAT C . -4.85 -0.39 8.82
O8 A1JAT C . -0.04 -2.58 10.50
O9 A1JAT C . 0.90 -2.58 8.47
C4 A1JHO D . -2.44 -1.32 9.06
C5 A1JHO D . -1.04 -1.20 8.84
C6 A1JHO D . -0.63 -0.22 7.93
C7 A1JHO D . 0.12 -2.10 9.53
C10 A1JHO D . -3.97 1.28 6.84
C17 A1JHO D . -6.09 2.26 6.31
C20 A1JHO D . -8.40 0.95 8.71
C21 A1JHO D . -9.73 0.54 8.81
C22 A1JHO D . -10.09 -0.78 8.55
C24 A1JHO D . -7.76 -1.25 8.07
C1 A1JHO D . -1.59 0.56 7.32
C11 A1JHO D . -5.48 0.98 6.90
C12 A1JHO D . -5.93 0.55 8.22
C14 A1JHO D . -4.05 2.81 7.15
C19 A1JHO D . -7.39 0.07 8.33
C2 A1JHO D . -2.97 0.43 7.55
C23 A1JHO D . -9.07 -1.65 8.15
C25 A1JHO D . -10.81 1.60 9.25
C29 A1JHO D . -9.42 -3.14 7.85
C3 A1JHO D . -3.47 -0.54 8.44
C43 A1JHO D . -3.94 3.26 5.69
C48 A1JHO D . -5.30 2.80 5.09
C51 A1JHO D . -5.55 3.20 7.41
F1 A1JHO D . -8.63 -3.75 7.00
F26 A1JHO D . -10.44 2.83 8.96
F27 A1JHO D . -11.98 1.41 8.67
F28 A1JHO D . -11.05 1.57 10.53
F30 A1JHO D . -10.66 -3.28 7.44
F31 A1JHO D . -9.30 -3.81 8.97
N13 A1JHO D . -4.94 -0.56 8.58
O8 A1JHO D . -0.02 -2.41 10.73
O9 A1JHO D . 1.09 -2.45 8.82
#